data_4ESR
#
_entry.id   4ESR
#
_cell.length_a   68.142
_cell.length_b   68.142
_cell.length_c   98.489
_cell.angle_alpha   90.00
_cell.angle_beta   90.00
_cell.angle_gamma   90.00
#
_symmetry.space_group_name_H-M   'P 41 21 2'
#
loop_
_entity.id
_entity.type
_entity.pdbx_description
1 polymer Jouberin
2 non-polymer DI(HYDROXYETHYL)ETHER
3 water water
#
_entity_poly.entity_id   1
_entity_poly.type   'polypeptide(L)'
_entity_poly.pdbx_seq_one_letter_code
;HQVDTAPTVVALYDYTANRSDELTIHRGDIIRVFFKDNEDWWYGSIGKGQEGYFPANHVASETLYQELP
;
_entity_poly.pdbx_strand_id   A,B
#
loop_
_chem_comp.id
_chem_comp.type
_chem_comp.name
_chem_comp.formula
PEG non-polymer DI(HYDROXYETHYL)ETHER 'C4 H10 O3'
#
# COMPACT_ATOMS: atom_id res chain seq x y z
N THR A 5 7.82 0.50 9.97
N THR A 5 2.87 7.45 5.69
CA THR A 5 7.47 -0.90 10.22
CA THR A 5 2.83 5.94 5.55
C THR A 5 6.49 -1.40 9.21
C THR A 5 4.16 5.45 5.01
N ALA A 6 5.94 -0.53 8.30
N ALA A 6 4.71 4.37 5.59
CA ALA A 6 4.92 -1.03 7.30
CA ALA A 6 5.87 3.74 5.04
C ALA A 6 5.19 -0.41 5.91
C ALA A 6 5.64 3.15 3.64
N PRO A 7 6.49 -0.51 5.45
N PRO A 7 6.72 3.31 2.84
CA PRO A 7 6.86 0.14 4.17
CA PRO A 7 6.75 2.87 1.48
C PRO A 7 6.17 -0.58 2.92
C PRO A 7 6.61 1.41 1.24
N THR A 8 6.32 0.06 1.76
N THR A 8 6.00 1.03 0.12
CA THR A 8 6.10 -0.62 0.47
CA THR A 8 6.07 -0.34 -0.31
C THR A 8 7.46 -0.95 -0.15
C THR A 8 7.53 -0.90 -0.30
N VAL A 9 7.68 -2.22 -0.39
CA VAL A 9 8.97 -2.81 -0.77
C VAL A 9 8.81 -3.55 -2.09
N VAL A 10 9.91 -4.06 -2.66
CA VAL A 10 9.87 -4.81 -3.89
C VAL A 10 10.56 -6.14 -3.71
N ALA A 11 10.00 -7.22 -4.22
CA ALA A 11 10.69 -8.49 -4.19
C ALA A 11 11.91 -8.42 -5.06
N LEU A 12 13.08 -8.81 -4.56
CA LEU A 12 14.30 -8.94 -5.31
C LEU A 12 14.52 -10.40 -5.73
N TYR A 13 14.02 -11.36 -4.96
CA TYR A 13 14.20 -12.77 -5.18
C TYR A 13 12.88 -13.48 -5.07
N ASP A 14 12.72 -14.49 -5.91
CA ASP A 14 11.47 -15.27 -5.95
C ASP A 14 11.34 -16.12 -4.70
N TYR A 15 10.10 -16.29 -4.21
CA TYR A 15 9.78 -17.17 -3.10
C TYR A 15 8.44 -17.82 -3.38
N THR A 16 8.39 -19.15 -3.27
CA THR A 16 7.16 -19.91 -3.45
C THR A 16 6.53 -20.22 -2.10
N ALA A 17 5.27 -19.88 -1.91
CA ALA A 17 4.56 -20.18 -0.67
C ALA A 17 4.71 -21.63 -0.30
N ASN A 18 5.02 -21.88 0.97
CA ASN A 18 5.09 -23.22 1.53
C ASN A 18 4.32 -23.38 2.82
N ARG A 19 3.28 -22.58 2.96
CA ARG A 19 2.31 -22.71 4.01
C ARG A 19 1.09 -21.90 3.53
N SER A 20 -0.11 -22.22 4.06
CA SER A 20 -1.32 -21.58 3.64
C SER A 20 -1.46 -20.13 3.98
N ASP A 21 -0.59 -19.63 4.84
CA ASP A 21 -0.56 -18.23 5.22
C ASP A 21 0.66 -17.50 4.70
N GLU A 22 1.26 -18.01 3.62
CA GLU A 22 2.37 -17.37 2.95
C GLU A 22 2.00 -16.83 1.60
N LEU A 23 2.79 -15.84 1.14
CA LEU A 23 2.76 -15.34 -0.23
C LEU A 23 3.71 -16.08 -1.15
N THR A 24 3.37 -16.14 -2.43
CA THR A 24 4.33 -16.38 -3.52
C THR A 24 4.66 -15.03 -4.11
N ILE A 25 5.94 -14.74 -4.21
CA ILE A 25 6.43 -13.48 -4.75
C ILE A 25 7.44 -13.76 -5.85
N HIS A 26 7.49 -12.88 -6.83
CA HIS A 26 8.47 -12.90 -7.91
C HIS A 26 9.20 -11.57 -7.96
N ARG A 27 10.46 -11.60 -8.41
CA ARG A 27 11.25 -10.41 -8.55
C ARG A 27 10.45 -9.34 -9.27
N GLY A 28 10.41 -8.14 -8.68
CA GLY A 28 9.71 -7.00 -9.20
C GLY A 28 8.32 -6.77 -8.62
N ASP A 29 7.80 -7.76 -7.90
CA ASP A 29 6.50 -7.59 -7.28
C ASP A 29 6.55 -6.57 -6.16
N ILE A 30 5.61 -5.65 -6.14
CA ILE A 30 5.44 -4.64 -5.11
CA ILE A 30 5.45 -4.64 -5.10
C ILE A 30 4.66 -5.24 -3.95
N ILE A 31 5.19 -5.12 -2.74
CA ILE A 31 4.62 -5.66 -1.53
C ILE A 31 4.36 -4.56 -0.54
N ARG A 32 3.14 -4.46 -0.06
CA ARG A 32 2.81 -3.54 1.02
C ARG A 32 2.97 -4.26 2.34
N VAL A 33 3.99 -3.91 3.12
CA VAL A 33 4.24 -4.58 4.39
C VAL A 33 3.17 -4.17 5.42
N PHE A 34 2.61 -5.12 6.14
CA PHE A 34 1.71 -4.86 7.24
C PHE A 34 2.43 -4.98 8.57
N PHE A 35 3.25 -6.03 8.72
CA PHE A 35 3.94 -6.32 9.98
C PHE A 35 5.33 -6.84 9.72
N LYS A 36 6.28 -6.49 10.57
CA LYS A 36 7.58 -7.09 10.62
C LYS A 36 7.56 -7.99 11.84
N ASP A 37 7.33 -9.28 11.64
CA ASP A 37 7.21 -10.24 12.72
C ASP A 37 8.53 -10.35 13.46
N ASN A 38 9.62 -10.64 12.74
CA ASN A 38 10.93 -10.68 13.30
C ASN A 38 11.95 -10.37 12.22
N GLU A 39 13.24 -10.65 12.43
N GLU A 39 13.21 -10.69 12.52
CA GLU A 39 14.21 -10.29 11.40
CA GLU A 39 14.34 -10.46 11.64
C GLU A 39 14.12 -11.14 10.16
C GLU A 39 14.15 -11.16 10.27
N ASP A 40 13.51 -12.34 10.29
CA ASP A 40 13.45 -13.24 9.19
C ASP A 40 12.17 -13.18 8.37
N TRP A 41 11.07 -12.88 9.05
CA TRP A 41 9.71 -13.03 8.44
C TRP A 41 8.93 -11.75 8.59
N TRP A 42 8.43 -11.24 7.47
CA TRP A 42 7.54 -10.13 7.41
C TRP A 42 6.19 -10.62 6.88
N TYR A 43 5.15 -9.76 6.95
CA TYR A 43 3.82 -10.15 6.56
C TYR A 43 3.22 -8.98 5.84
N GLY A 44 2.59 -9.21 4.68
CA GLY A 44 2.03 -8.10 3.91
C GLY A 44 1.21 -8.52 2.74
N SER A 45 0.97 -7.60 1.81
CA SER A 45 0.01 -7.76 0.78
C SER A 45 0.61 -7.51 -0.58
N ILE A 46 0.16 -8.31 -1.57
CA ILE A 46 0.44 -8.09 -2.98
C ILE A 46 -0.78 -7.67 -3.78
N GLY A 47 -1.88 -7.47 -3.16
CA GLY A 47 -3.10 -7.09 -3.82
C GLY A 47 -4.32 -7.27 -2.97
N LYS A 48 -5.48 -6.82 -3.44
CA LYS A 48 -6.69 -6.96 -2.73
CA LYS A 48 -6.67 -6.95 -2.69
C LYS A 48 -6.92 -8.39 -2.24
N GLY A 49 -7.04 -8.58 -0.94
CA GLY A 49 -7.25 -9.88 -0.40
C GLY A 49 -6.13 -10.91 -0.52
N GLN A 50 -4.93 -10.48 -0.85
CA GLN A 50 -3.79 -11.36 -1.02
C GLN A 50 -2.68 -11.00 -0.03
N GLU A 51 -2.72 -11.68 1.12
N GLU A 51 -2.76 -11.61 1.16
CA GLU A 51 -1.83 -11.38 2.18
CA GLU A 51 -1.84 -11.33 2.25
C GLU A 51 -1.14 -12.61 2.67
C GLU A 51 -1.16 -12.58 2.70
N GLY A 52 0.04 -12.45 3.28
CA GLY A 52 0.73 -13.55 3.81
C GLY A 52 2.13 -13.22 4.28
N TYR A 53 2.75 -14.21 4.92
CA TYR A 53 4.14 -14.16 5.29
C TYR A 53 5.05 -14.26 4.08
N PHE A 54 6.21 -13.62 4.16
CA PHE A 54 7.26 -13.75 3.17
C PHE A 54 8.62 -13.48 3.86
N PRO A 55 9.70 -14.04 3.31
CA PRO A 55 11.02 -13.83 3.94
C PRO A 55 11.52 -12.44 3.69
N ALA A 56 11.94 -11.74 4.75
CA ALA A 56 12.47 -10.40 4.68
C ALA A 56 13.69 -10.31 3.74
N ASN A 57 14.51 -11.38 3.75
CA ASN A 57 15.70 -11.36 2.95
C ASN A 57 15.47 -11.45 1.47
N HIS A 58 14.22 -11.58 1.02
CA HIS A 58 13.91 -11.57 -0.38
C HIS A 58 13.46 -10.26 -0.94
N VAL A 59 13.41 -9.20 -0.12
CA VAL A 59 12.93 -7.92 -0.55
C VAL A 59 13.93 -6.82 -0.44
N ALA A 60 13.64 -5.69 -1.05
CA ALA A 60 14.46 -4.50 -1.03
C ALA A 60 13.59 -3.27 -1.09
N SER A 61 14.11 -2.14 -0.70
CA SER A 61 13.42 -0.89 -0.82
C SER A 61 13.11 -0.56 -2.27
N GLU A 62 12.07 0.25 -2.47
N GLU A 62 12.08 0.26 -2.48
CA GLU A 62 11.80 0.85 -3.76
CA GLU A 62 11.83 0.77 -3.82
C GLU A 62 13.02 1.59 -4.32
C GLU A 62 13.02 1.61 -4.33
N THR A 63 13.68 2.34 -3.44
CA THR A 63 14.89 3.10 -3.88
C THR A 63 15.97 2.16 -4.45
N LEU A 64 16.30 1.11 -3.70
CA LEU A 64 17.34 0.19 -4.17
C LEU A 64 16.93 -0.45 -5.45
N TYR A 65 15.68 -0.90 -5.53
CA TYR A 65 15.19 -1.59 -6.71
C TYR A 65 15.31 -0.73 -7.95
N GLN A 66 14.95 0.54 -7.85
CA GLN A 66 15.02 1.45 -8.98
C GLN A 66 16.48 1.80 -9.36
N GLU A 67 17.42 1.59 -8.50
CA GLU A 67 18.86 1.83 -8.74
C GLU A 67 19.61 0.68 -9.15
N LEU A 68 19.02 -0.46 -9.35
CA LEU A 68 19.76 -1.63 -9.86
C LEU A 68 20.31 -1.30 -11.29
N PRO A 69 21.36 -1.95 -11.75
CA PRO A 69 21.82 -1.80 -13.16
C PRO A 69 20.83 -2.23 -14.21
N ALA B 6 -10.81 3.05 -10.66
CA ALA B 6 -9.38 3.55 -10.35
C ALA B 6 -9.15 5.06 -10.69
N PRO B 7 -10.03 5.93 -10.10
CA PRO B 7 -9.81 7.35 -10.38
C PRO B 7 -8.50 8.02 -9.76
N THR B 8 -8.29 9.31 -10.03
CA THR B 8 -7.50 10.18 -9.17
C THR B 8 -8.54 11.04 -8.47
N VAL B 9 -8.42 11.14 -7.14
CA VAL B 9 -9.29 11.93 -6.30
C VAL B 9 -8.46 12.81 -5.39
N VAL B 10 -9.11 13.67 -4.61
CA VAL B 10 -8.45 14.57 -3.74
C VAL B 10 -8.97 14.31 -2.33
N ALA B 11 -8.07 14.26 -1.34
CA ALA B 11 -8.53 14.27 0.09
C ALA B 11 -9.20 15.58 0.39
N LEU B 12 -10.45 15.51 0.85
CA LEU B 12 -11.18 16.68 1.34
C LEU B 12 -11.09 16.82 2.85
N TYR B 13 -10.87 15.69 3.56
CA TYR B 13 -10.79 15.66 4.99
C TYR B 13 -9.56 14.83 5.42
N ASP B 14 -8.88 15.28 6.47
CA ASP B 14 -7.76 14.57 7.02
C ASP B 14 -8.20 13.21 7.60
N TYR B 15 -7.39 12.21 7.47
CA TYR B 15 -7.61 10.94 8.13
C TYR B 15 -6.23 10.43 8.59
N THR B 16 -6.14 10.05 9.88
CA THR B 16 -4.95 9.45 10.45
C THR B 16 -5.08 7.96 10.45
N ALA B 17 -4.14 7.25 9.85
CA ALA B 17 -4.19 5.80 9.85
C ALA B 17 -4.31 5.28 11.25
N ASN B 18 -5.15 4.29 11.41
CA ASN B 18 -5.33 3.57 12.68
C ASN B 18 -5.10 2.10 12.60
N ARG B 19 -4.41 1.66 11.57
CA ARG B 19 -4.07 0.27 11.38
C ARG B 19 -2.97 0.25 10.37
N SER B 20 -2.19 -0.84 10.36
N SER B 20 -2.15 -0.81 10.37
CA SER B 20 -1.00 -0.87 9.55
CA SER B 20 -0.96 -0.79 9.54
C SER B 20 -1.20 -1.03 8.07
C SER B 20 -1.26 -0.77 8.04
N ASP B 21 -2.41 -1.33 7.63
CA ASP B 21 -2.78 -1.36 6.23
C ASP B 21 -3.41 -0.08 5.72
N GLU B 22 -3.46 0.97 6.57
CA GLU B 22 -4.10 2.25 6.25
C GLU B 22 -3.13 3.30 5.83
N LEU B 23 -3.64 4.32 5.16
CA LEU B 23 -2.93 5.45 4.65
C LEU B 23 -3.41 6.72 5.36
N THR B 24 -2.47 7.50 5.95
CA THR B 24 -2.78 8.81 6.45
C THR B 24 -2.84 9.77 5.28
N ILE B 25 -3.94 10.51 5.21
CA ILE B 25 -4.18 11.49 4.20
C ILE B 25 -4.45 12.85 4.84
N HIS B 26 -4.05 13.90 4.11
CA HIS B 26 -4.33 15.27 4.50
C HIS B 26 -5.08 15.97 3.40
N ARG B 27 -5.92 16.91 3.77
CA ARG B 27 -6.66 17.73 2.82
C ARG B 27 -5.73 18.25 1.76
N GLY B 28 -6.14 18.04 0.51
CA GLY B 28 -5.41 18.44 -0.69
C GLY B 28 -4.55 17.40 -1.29
N ASP B 29 -4.29 16.28 -0.56
CA ASP B 29 -3.51 15.22 -1.16
C ASP B 29 -4.21 14.63 -2.40
N ILE B 30 -3.47 14.42 -3.48
CA ILE B 30 -3.91 13.77 -4.68
C ILE B 30 -3.67 12.29 -4.54
N ILE B 31 -4.75 11.52 -4.62
CA ILE B 31 -4.75 10.09 -4.38
C ILE B 31 -5.03 9.36 -5.69
N ARG B 32 -4.12 8.48 -6.07
CA ARG B 32 -4.35 7.54 -7.13
C ARG B 32 -5.02 6.29 -6.57
N VAL B 33 -6.26 6.04 -6.97
CA VAL B 33 -7.05 4.93 -6.44
C VAL B 33 -6.69 3.66 -7.19
N PHE B 34 -6.21 2.67 -6.46
CA PHE B 34 -5.88 1.36 -7.01
C PHE B 34 -7.11 0.48 -7.18
N PHE B 35 -7.94 0.46 -6.12
CA PHE B 35 -9.20 -0.22 -6.16
C PHE B 35 -10.15 0.30 -5.10
N LYS B 36 -11.41 0.10 -5.33
CA LYS B 36 -12.47 0.39 -4.36
C LYS B 36 -12.88 -0.95 -3.77
N ASP B 37 -12.57 -1.15 -2.50
CA ASP B 37 -12.84 -2.43 -1.85
C ASP B 37 -14.32 -2.63 -1.60
N ASN B 38 -14.97 -1.58 -1.13
CA ASN B 38 -16.35 -1.59 -0.85
C ASN B 38 -16.82 -0.17 -0.80
N GLU B 39 -18.05 0.08 -0.30
CA GLU B 39 -18.58 1.44 -0.19
CA GLU B 39 -18.59 1.37 -0.21
C GLU B 39 -17.78 2.33 0.71
N ASP B 40 -17.13 1.78 1.71
CA ASP B 40 -16.51 2.56 2.76
C ASP B 40 -15.00 2.76 2.60
N TRP B 41 -14.33 1.76 2.03
CA TRP B 41 -12.88 1.72 2.03
C TRP B 41 -12.35 1.55 0.63
N TRP B 42 -11.44 2.46 0.25
CA TRP B 42 -10.73 2.37 -1.00
C TRP B 42 -9.26 2.23 -0.67
N TYR B 43 -8.47 1.86 -1.67
CA TYR B 43 -7.06 1.66 -1.50
C TYR B 43 -6.33 2.47 -2.56
N GLY B 44 -5.28 3.17 -2.20
CA GLY B 44 -4.50 3.93 -3.16
C GLY B 44 -3.28 4.56 -2.62
N SER B 45 -2.72 5.44 -3.43
CA SER B 45 -1.42 6.00 -3.17
C SER B 45 -1.39 7.50 -3.26
N ILE B 46 -0.58 8.13 -2.45
CA ILE B 46 -0.27 9.55 -2.55
C ILE B 46 1.11 9.84 -3.05
N GLY B 47 1.81 8.82 -3.47
CA GLY B 47 3.11 8.95 -4.11
C GLY B 47 4.15 8.48 -3.22
N LYS B 48 5.37 8.41 -3.77
CA LYS B 48 6.49 8.10 -2.98
C LYS B 48 6.34 6.81 -2.23
N GLY B 49 5.70 5.79 -2.79
CA GLY B 49 5.58 4.58 -2.10
C GLY B 49 4.55 4.56 -0.98
N GLN B 50 3.82 5.65 -0.70
CA GLN B 50 2.87 5.77 0.43
C GLN B 50 1.49 5.38 -0.05
N GLU B 51 1.04 4.27 0.44
CA GLU B 51 -0.18 3.69 -0.01
C GLU B 51 -0.89 2.95 1.09
N GLY B 52 -2.18 2.73 0.93
CA GLY B 52 -2.95 2.01 1.89
C GLY B 52 -4.44 2.22 1.71
N TYR B 53 -5.19 1.64 2.66
CA TYR B 53 -6.62 1.85 2.75
C TYR B 53 -6.93 3.23 3.35
N PHE B 54 -7.97 3.89 2.81
CA PHE B 54 -8.45 5.13 3.34
C PHE B 54 -9.96 5.19 3.19
N PRO B 55 -10.62 6.00 4.02
CA PRO B 55 -12.08 6.02 3.95
C PRO B 55 -12.55 6.84 2.74
N ALA B 56 -13.44 6.25 1.92
CA ALA B 56 -13.97 6.90 0.74
C ALA B 56 -14.68 8.18 1.07
N ASN B 57 -15.32 8.27 2.24
CA ASN B 57 -16.06 9.46 2.59
C ASN B 57 -15.20 10.67 2.91
N HIS B 58 -13.85 10.51 2.88
CA HIS B 58 -12.96 11.62 3.05
C HIS B 58 -12.44 12.21 1.78
N VAL B 59 -12.87 11.74 0.63
CA VAL B 59 -12.35 12.20 -0.66
C VAL B 59 -13.42 12.89 -1.50
N ALA B 60 -12.96 13.58 -2.53
CA ALA B 60 -13.80 14.26 -3.51
C ALA B 60 -13.14 14.17 -4.86
N SER B 61 -13.92 14.40 -5.91
CA SER B 61 -13.37 14.53 -7.23
C SER B 61 -12.46 15.73 -7.36
N GLU B 62 -11.55 15.67 -8.32
CA GLU B 62 -10.79 16.84 -8.67
C GLU B 62 -11.61 18.01 -9.13
N THR B 63 -12.69 17.75 -9.86
CA THR B 63 -13.59 18.82 -10.30
C THR B 63 -14.18 19.51 -9.13
N LEU B 64 -14.75 18.74 -8.17
CA LEU B 64 -15.37 19.35 -6.98
CA LEU B 64 -15.35 19.40 -7.03
C LEU B 64 -14.34 20.17 -6.22
N TYR B 65 -13.17 19.57 -5.96
CA TYR B 65 -12.18 20.19 -5.14
C TYR B 65 -11.77 21.52 -5.72
N GLN B 66 -11.71 21.63 -7.05
CA GLN B 66 -11.36 22.92 -7.69
C GLN B 66 -12.47 23.93 -7.69
N GLU B 67 -13.71 23.55 -7.44
CA GLU B 67 -14.74 24.50 -7.53
C GLU B 67 -15.48 24.50 -6.18
N LEU B 68 -14.78 24.42 -5.05
CA LEU B 68 -15.45 24.49 -3.72
C LEU B 68 -15.86 25.94 -3.52
N PRO B 69 -17.05 26.13 -2.84
CA PRO B 69 -17.63 27.47 -2.57
C PRO B 69 -16.95 28.21 -1.40
C1 PEG C . -15.51 13.16 6.72
O1 PEG C . -15.47 12.75 8.05
C2 PEG C . -16.72 12.64 6.07
O2 PEG C . -17.59 13.59 6.42
C3 PEG C . -18.75 13.71 5.69
C4 PEG C . -18.85 15.14 5.43
O4 PEG C . -20.03 15.53 5.97
C1 PEG D . -14.15 9.72 10.84
O1 PEG D . -14.91 10.26 9.82
C2 PEG D . -13.24 8.52 10.28
O2 PEG D . -14.14 7.64 9.61
C3 PEG D . -13.69 6.60 8.84
C4 PEG D . -13.95 5.38 9.70
O4 PEG D . -14.74 4.37 9.10
C1 PEG E . -18.38 17.52 1.82
O1 PEG E . -18.95 17.21 3.05
C2 PEG E . -19.28 17.41 0.64
O2 PEG E . -18.64 17.36 -0.64
C3 PEG E . -19.59 16.50 -1.42
C4 PEG E . -20.93 17.17 -1.62
O4 PEG E . -20.75 18.25 -2.55
#